data_4PVS
#
_entry.id   4PVS
#
_cell.length_a   59.670
_cell.length_b   59.670
_cell.length_c   298.719
_cell.angle_alpha   90.00
_cell.angle_beta   90.00
_cell.angle_gamma   120.00
#
_symmetry.space_group_name_H-M   'P 65'
#
loop_
_entity.id
_entity.type
_entity.pdbx_description
1 polymer 'Isoaspartyl peptidase/L-asparaginase'
2 non-polymer 'SODIUM ION'
3 non-polymer 'ASPARTIC ACID'
4 water water
#
_entity_poly.entity_id   1
_entity_poly.type   'polypeptide(L)'
_entity_poly.pdbx_seq_one_letter_code
;GHMNPIVVVHGGGAGPISKDRKERVHQGMVRAATVGYGILREGGSAVDAVEGAVVALEDDPEFNAGCGSVLNTNGEVEMD
ASIMDGKDLSAGAVSAVQCIANPIKLARLVMEKTPHCFLTDQGAAQFAAAMGVPEIPGEKLVTERNKKRLEKEKHEKGAQ
KTDCQKNLGTVGAVALDCKGNVAYATSTGGIVNKMVGRVGDSPCLGAGGYADNDIGAVSTTGHGESILKVNLARLTLFHI
EQGKTVEEAADLSLGYMKSRVKGLGGLIVVSKTGDWVAKWTSTSMPWAAAKDGKLHFGIDPDDTTITDLP
;
_entity_poly.pdbx_strand_id   A,B
#
loop_
_chem_comp.id
_chem_comp.type
_chem_comp.name
_chem_comp.formula
NA non-polymer 'SODIUM ION' 'Na 1'
#
# COMPACT_ATOMS: atom_id res chain seq x y z
N HIS A 2 -18.22 22.32 18.92
CA HIS A 2 -17.56 21.71 17.72
C HIS A 2 -16.19 22.32 17.46
N MET A 3 -15.36 21.59 16.72
CA MET A 3 -13.96 21.95 16.50
C MET A 3 -13.81 23.12 15.53
N ASN A 4 -12.68 23.83 15.68
CA ASN A 4 -12.23 24.79 14.68
C ASN A 4 -11.66 24.00 13.50
N PRO A 5 -12.06 24.33 12.26
CA PRO A 5 -11.48 23.55 11.17
C PRO A 5 -10.05 23.98 10.88
N ILE A 6 -9.26 23.06 10.33
CA ILE A 6 -7.90 23.38 9.95
C ILE A 6 -7.49 22.53 8.77
N VAL A 7 -6.90 23.19 7.77
CA VAL A 7 -6.28 22.50 6.65
C VAL A 7 -4.77 22.73 6.69
N VAL A 8 -4.00 21.72 6.30
CA VAL A 8 -2.58 21.89 6.06
C VAL A 8 -2.30 21.29 4.69
N VAL A 9 -1.58 22.04 3.85
CA VAL A 9 -1.14 21.54 2.56
C VAL A 9 0.38 21.42 2.53
N HIS A 10 0.88 20.55 1.66
CA HIS A 10 2.31 20.56 1.28
C HIS A 10 2.46 20.48 -0.23
N GLY A 11 3.60 20.97 -0.72
CA GLY A 11 3.95 20.96 -2.13
C GLY A 11 5.16 20.07 -2.37
N GLY A 12 5.40 19.16 -1.43
CA GLY A 12 6.38 18.10 -1.63
C GLY A 12 7.77 18.38 -1.15
N GLY A 13 8.47 17.31 -0.78
CA GLY A 13 9.88 17.39 -0.42
C GLY A 13 10.68 17.75 -1.65
N ALA A 14 11.75 18.51 -1.44
CA ALA A 14 12.57 18.94 -2.56
C ALA A 14 14.00 19.13 -2.10
N GLY A 15 14.91 19.17 -3.06
CA GLY A 15 16.24 19.66 -2.79
C GLY A 15 16.13 21.16 -2.59
N PRO A 16 17.27 21.86 -2.62
CA PRO A 16 17.23 23.33 -2.58
C PRO A 16 16.29 23.90 -3.63
N ILE A 17 15.64 25.01 -3.30
CA ILE A 17 14.76 25.70 -4.24
C ILE A 17 15.28 27.12 -4.56
N SER A 18 15.34 27.44 -5.86
CA SER A 18 15.88 28.71 -6.35
C SER A 18 14.98 29.90 -6.03
N LYS A 19 15.44 31.10 -6.40
CA LYS A 19 14.71 32.35 -6.12
C LYS A 19 13.34 32.42 -6.80
N ASP A 20 13.33 32.29 -8.12
CA ASP A 20 12.11 32.41 -8.92
C ASP A 20 11.05 31.41 -8.49
N ARG A 21 11.44 30.15 -8.38
CA ARG A 21 10.54 29.05 -8.03
C ARG A 21 9.90 29.25 -6.65
N LYS A 22 10.67 29.81 -5.73
CA LYS A 22 10.27 29.93 -4.32
C LYS A 22 9.02 30.78 -4.15
N GLU A 23 8.98 31.93 -4.82
CA GLU A 23 7.82 32.81 -4.70
C GLU A 23 6.61 32.26 -5.43
N ARG A 24 6.84 31.61 -6.57
CA ARG A 24 5.77 30.98 -7.34
C ARG A 24 5.14 29.83 -6.54
N VAL A 25 5.99 29.10 -5.82
CA VAL A 25 5.55 28.08 -4.86
C VAL A 25 4.61 28.70 -3.82
N HIS A 26 4.94 29.89 -3.33
CA HIS A 26 4.10 30.59 -2.37
C HIS A 26 2.65 30.76 -2.84
N GLN A 27 2.50 31.29 -4.05
CA GLN A 27 1.20 31.61 -4.64
C GLN A 27 0.29 30.38 -4.75
N GLY A 28 0.82 29.32 -5.34
CA GLY A 28 0.12 28.04 -5.45
C GLY A 28 -0.32 27.46 -4.12
N MET A 29 0.55 27.55 -3.12
CA MET A 29 0.30 27.04 -1.79
C MET A 29 -0.80 27.80 -1.05
N VAL A 30 -0.82 29.12 -1.21
CA VAL A 30 -1.84 29.97 -0.57
C VAL A 30 -3.20 29.74 -1.23
N ARG A 31 -3.22 29.60 -2.55
CA ARG A 31 -4.43 29.26 -3.31
C ARG A 31 -5.07 28.00 -2.75
N ALA A 32 -4.27 26.95 -2.64
CA ALA A 32 -4.76 25.62 -2.26
C ALA A 32 -5.23 25.61 -0.81
N ALA A 33 -4.43 26.18 0.08
CA ALA A 33 -4.82 26.32 1.50
C ALA A 33 -6.10 27.15 1.63
N THR A 34 -6.27 28.12 0.74
CA THR A 34 -7.44 29.01 0.72
C THR A 34 -8.70 28.29 0.25
N VAL A 35 -8.57 27.47 -0.80
CA VAL A 35 -9.69 26.67 -1.29
C VAL A 35 -10.16 25.68 -0.22
N GLY A 36 -9.23 24.93 0.36
CA GLY A 36 -9.53 23.97 1.42
C GLY A 36 -10.20 24.60 2.63
N TYR A 37 -9.59 25.67 3.15
CA TYR A 37 -10.14 26.41 4.29
C TYR A 37 -11.51 27.02 3.95
N GLY A 38 -11.63 27.57 2.74
CA GLY A 38 -12.90 28.09 2.24
C GLY A 38 -13.98 27.05 2.43
N ILE A 39 -13.74 25.86 1.87
CA ILE A 39 -14.61 24.72 2.06
C ILE A 39 -14.91 24.49 3.55
N LEU A 40 -13.88 24.47 4.40
CA LEU A 40 -14.06 24.20 5.83
C LEU A 40 -14.91 25.25 6.57
N ARG A 41 -14.69 26.52 6.24
CA ARG A 41 -15.46 27.62 6.84
C ARG A 41 -16.91 27.61 6.36
N GLU A 42 -17.20 26.76 5.38
CA GLU A 42 -18.50 26.75 4.71
C GLU A 42 -19.32 25.49 4.96
N GLY A 43 -18.97 24.76 6.02
CA GLY A 43 -19.65 23.53 6.39
C GLY A 43 -19.27 22.30 5.57
N GLY A 44 -18.30 22.44 4.67
CA GLY A 44 -17.83 21.33 3.86
C GLY A 44 -16.98 20.37 4.67
N SER A 45 -16.82 19.16 4.15
CA SER A 45 -16.12 18.07 4.86
C SER A 45 -14.60 18.18 4.75
N ALA A 46 -13.91 17.45 5.64
CA ALA A 46 -12.46 17.34 5.56
C ALA A 46 -12.08 16.75 4.19
N VAL A 47 -12.82 15.74 3.74
CA VAL A 47 -12.61 15.10 2.43
C VAL A 47 -12.73 16.09 1.28
N ASP A 48 -13.83 16.86 1.24
CA ASP A 48 -13.98 17.95 0.28
C ASP A 48 -12.85 18.96 0.38
N ALA A 49 -12.42 19.28 1.60
CA ALA A 49 -11.34 20.25 1.79
C ALA A 49 -10.03 19.74 1.20
N VAL A 50 -9.62 18.54 1.61
CA VAL A 50 -8.37 17.93 1.11
C VAL A 50 -8.40 17.72 -0.41
N GLU A 51 -9.54 17.24 -0.93
CA GLU A 51 -9.71 17.10 -2.38
C GLU A 51 -9.52 18.45 -3.07
N GLY A 52 -10.17 19.49 -2.55
CA GLY A 52 -10.12 20.82 -3.15
C GLY A 52 -8.74 21.43 -3.22
N ALA A 53 -8.02 21.37 -2.10
CA ALA A 53 -6.63 21.78 -2.01
C ALA A 53 -5.76 21.11 -3.08
N VAL A 54 -5.75 19.78 -3.08
CA VAL A 54 -4.91 19.03 -4.00
C VAL A 54 -5.25 19.26 -5.48
N VAL A 55 -6.54 19.23 -5.84
CA VAL A 55 -6.96 19.65 -7.18
C VAL A 55 -6.29 20.97 -7.61
N ALA A 56 -6.31 21.96 -6.71
CA ALA A 56 -5.67 23.27 -6.92
C ALA A 56 -4.21 23.10 -7.29
N LEU A 57 -3.51 22.28 -6.50
CA LEU A 57 -2.11 21.94 -6.77
C LEU A 57 -1.92 20.98 -7.97
N GLU A 58 -2.91 20.13 -8.23
CA GLU A 58 -2.90 19.31 -9.46
C GLU A 58 -3.00 20.18 -10.71
N ASP A 59 -3.95 21.12 -10.74
CA ASP A 59 -4.12 21.98 -11.92
C ASP A 59 -2.92 22.87 -12.19
N ASP A 60 -2.22 23.26 -11.12
CA ASP A 60 -1.09 24.19 -11.18
C ASP A 60 0.13 23.48 -11.79
N PRO A 61 0.68 24.00 -12.91
CA PRO A 61 1.82 23.32 -13.52
C PRO A 61 3.09 23.38 -12.67
N GLU A 62 3.10 24.23 -11.64
CA GLU A 62 4.28 24.35 -10.78
C GLU A 62 4.49 23.16 -9.82
N PHE A 63 3.52 22.28 -9.71
CA PHE A 63 3.66 21.16 -8.77
C PHE A 63 3.62 19.80 -9.43
N ASN A 64 4.39 18.87 -8.86
CA ASN A 64 4.53 17.52 -9.35
C ASN A 64 3.28 16.67 -9.07
N ALA A 65 2.20 16.97 -9.79
CA ALA A 65 0.91 16.27 -9.73
C ALA A 65 -0.03 16.88 -10.75
N GLY A 66 -0.85 16.05 -11.39
CA GLY A 66 -1.77 16.51 -12.45
C GLY A 66 -1.00 17.13 -13.60
N CYS A 67 -1.34 18.37 -13.95
CA CYS A 67 -0.55 19.17 -14.90
C CYS A 67 0.78 19.56 -14.25
N GLY A 68 1.90 19.24 -14.90
CA GLY A 68 3.20 19.52 -14.30
C GLY A 68 3.85 18.34 -13.58
N SER A 69 3.27 17.15 -13.76
CA SER A 69 3.84 15.91 -13.29
C SER A 69 5.18 15.65 -13.97
N VAL A 70 6.12 15.07 -13.22
CA VAL A 70 7.36 14.57 -13.81
C VAL A 70 7.04 13.46 -14.80
N LEU A 71 7.94 13.20 -15.75
CA LEU A 71 7.66 12.25 -16.82
C LEU A 71 8.37 10.94 -16.54
N ASN A 72 7.75 9.83 -16.97
CA ASN A 72 8.38 8.53 -16.79
C ASN A 72 9.52 8.31 -17.78
N THR A 73 10.01 7.08 -17.87
CA THR A 73 11.18 6.80 -18.69
C THR A 73 10.91 6.98 -20.20
N ASN A 74 9.64 6.97 -20.59
CA ASN A 74 9.27 7.17 -21.99
C ASN A 74 8.52 8.48 -22.29
N GLY A 75 8.87 9.53 -21.56
CA GLY A 75 8.31 10.88 -21.78
C GLY A 75 6.82 11.01 -21.50
N GLU A 76 6.28 10.06 -20.74
CA GLU A 76 4.85 10.06 -20.48
C GLU A 76 4.54 10.36 -19.01
N VAL A 77 3.39 10.99 -18.79
CA VAL A 77 2.92 11.27 -17.44
C VAL A 77 2.15 10.10 -16.86
N GLU A 78 2.66 9.60 -15.73
CA GLU A 78 2.02 8.53 -14.96
C GLU A 78 1.74 9.08 -13.57
N MET A 79 0.50 8.96 -13.13
CA MET A 79 0.09 9.60 -11.88
C MET A 79 -0.49 8.62 -10.87
N ASP A 80 -0.16 8.84 -9.60
CA ASP A 80 -0.79 8.14 -8.47
C ASP A 80 -1.48 9.20 -7.63
N ALA A 81 -2.59 8.83 -7.01
CA ALA A 81 -3.24 9.63 -6.00
C ALA A 81 -4.07 8.75 -5.08
N SER A 82 -4.22 9.21 -3.84
CA SER A 82 -5.15 8.59 -2.92
C SER A 82 -5.78 9.62 -1.99
N ILE A 83 -6.96 9.25 -1.51
CA ILE A 83 -7.71 10.02 -0.53
C ILE A 83 -8.28 9.04 0.51
N MET A 84 -8.49 9.53 1.74
CA MET A 84 -9.01 8.72 2.85
C MET A 84 -9.77 9.57 3.87
N ASP A 85 -10.92 9.05 4.31
CA ASP A 85 -11.80 9.68 5.29
C ASP A 85 -11.63 8.94 6.61
N GLY A 86 -11.35 9.70 7.67
CA GLY A 86 -11.07 9.14 8.99
C GLY A 86 -12.21 8.49 9.78
N LYS A 87 -13.44 8.90 9.50
CA LYS A 87 -14.59 8.45 10.28
C LYS A 87 -14.64 6.92 10.32
N ASP A 88 -14.68 6.35 9.12
CA ASP A 88 -14.94 4.94 8.84
C ASP A 88 -13.75 4.25 8.17
N LEU A 89 -12.71 5.03 7.84
CA LEU A 89 -11.54 4.57 7.09
C LEU A 89 -11.87 4.33 5.62
N SER A 90 -12.99 4.92 5.16
CA SER A 90 -13.32 4.98 3.73
C SER A 90 -12.12 5.54 2.99
N ALA A 91 -11.82 4.96 1.83
CA ALA A 91 -10.62 5.33 1.07
C ALA A 91 -10.78 5.03 -0.41
N GLY A 92 -10.01 5.76 -1.22
CA GLY A 92 -9.93 5.51 -2.64
C GLY A 92 -8.55 5.87 -3.18
N ALA A 93 -8.14 5.20 -4.25
CA ALA A 93 -6.83 5.47 -4.84
C ALA A 93 -6.70 4.97 -6.25
N VAL A 94 -5.82 5.65 -6.99
CA VAL A 94 -5.47 5.28 -8.34
C VAL A 94 -3.94 5.29 -8.48
N SER A 95 -3.43 4.28 -9.19
CA SER A 95 -2.00 4.31 -9.53
C SER A 95 -1.76 4.21 -11.03
N ALA A 96 -0.69 4.87 -11.47
CA ALA A 96 -0.31 4.95 -12.88
C ALA A 96 -1.49 5.29 -13.80
N VAL A 97 -2.19 6.38 -13.48
CA VAL A 97 -3.25 6.87 -14.35
C VAL A 97 -2.69 7.88 -15.34
N GLN A 98 -3.35 8.00 -16.49
CA GLN A 98 -2.87 8.81 -17.58
C GLN A 98 -4.01 9.60 -18.22
N CYS A 99 -3.64 10.62 -18.97
CA CYS A 99 -4.54 11.39 -19.85
C CYS A 99 -5.77 11.99 -19.16
N ILE A 100 -5.57 12.37 -17.90
CA ILE A 100 -6.56 13.07 -17.08
C ILE A 100 -5.93 14.17 -16.22
N ALA A 101 -6.67 15.25 -15.99
CA ALA A 101 -6.13 16.42 -15.29
C ALA A 101 -5.98 16.18 -13.78
N ASN A 102 -6.96 15.53 -13.17
CA ASN A 102 -7.08 15.46 -11.71
C ASN A 102 -7.23 14.05 -11.09
N PRO A 103 -6.12 13.29 -11.00
CA PRO A 103 -6.16 11.95 -10.39
C PRO A 103 -6.80 11.89 -8.98
N ILE A 104 -6.60 12.93 -8.16
CA ILE A 104 -7.26 12.96 -6.84
C ILE A 104 -8.78 12.90 -6.95
N LYS A 105 -9.34 13.59 -7.95
CA LYS A 105 -10.78 13.54 -8.16
C LYS A 105 -11.18 12.11 -8.55
N LEU A 106 -10.34 11.46 -9.35
CA LEU A 106 -10.55 10.06 -9.74
C LEU A 106 -10.46 9.11 -8.53
N ALA A 107 -9.55 9.42 -7.61
CA ALA A 107 -9.41 8.66 -6.37
C ALA A 107 -10.63 8.76 -5.45
N ARG A 108 -11.29 9.92 -5.43
CA ARG A 108 -12.50 10.10 -4.62
C ARG A 108 -13.65 9.22 -5.13
N LEU A 109 -13.79 9.14 -6.44
CA LEU A 109 -14.84 8.34 -7.06
C LEU A 109 -14.65 6.86 -6.75
N VAL A 110 -13.39 6.42 -6.70
CA VAL A 110 -13.06 5.06 -6.29
C VAL A 110 -13.67 4.79 -4.93
N MET A 111 -13.43 5.71 -4.00
CA MET A 111 -13.95 5.60 -2.66
C MET A 111 -15.48 5.54 -2.65
N GLU A 112 -16.11 6.45 -3.39
CA GLU A 112 -17.55 6.70 -3.19
C GLU A 112 -18.50 6.01 -4.18
N LYS A 113 -17.96 5.32 -5.18
CA LYS A 113 -18.80 4.75 -6.23
C LYS A 113 -18.51 3.29 -6.57
N THR A 114 -17.39 2.77 -6.09
CA THR A 114 -17.06 1.36 -6.32
C THR A 114 -17.01 0.67 -4.96
N PRO A 115 -16.98 -0.67 -4.94
CA PRO A 115 -16.65 -1.32 -3.67
C PRO A 115 -15.17 -1.66 -3.57
N HIS A 116 -14.31 -0.86 -4.20
CA HIS A 116 -12.85 -1.04 -4.20
C HIS A 116 -12.15 0.24 -3.74
N CYS A 117 -10.94 0.12 -3.20
CA CYS A 117 -10.15 1.22 -2.60
CA CYS A 117 -10.27 1.33 -2.73
C CYS A 117 -8.99 1.65 -3.47
N PHE A 118 -8.71 0.86 -4.51
CA PHE A 118 -7.49 1.06 -5.27
C PHE A 118 -7.74 0.52 -6.68
N LEU A 119 -7.55 1.38 -7.69
CA LEU A 119 -7.51 0.98 -9.10
C LEU A 119 -6.19 1.38 -9.77
N THR A 120 -5.79 0.66 -10.80
CA THR A 120 -4.53 0.95 -11.51
C THR A 120 -4.70 0.98 -13.04
N ASP A 121 -3.91 1.83 -13.70
CA ASP A 121 -3.66 1.77 -15.14
C ASP A 121 -4.91 1.54 -16.00
N GLN A 122 -4.97 0.44 -16.74
CA GLN A 122 -6.10 0.13 -17.65
C GLN A 122 -7.45 0.16 -16.94
N GLY A 123 -7.53 -0.51 -15.79
CA GLY A 123 -8.73 -0.51 -14.96
C GLY A 123 -9.16 0.89 -14.55
N ALA A 124 -8.20 1.68 -14.07
CA ALA A 124 -8.43 3.06 -13.66
C ALA A 124 -8.99 3.94 -14.80
N ALA A 125 -8.47 3.73 -16.01
CA ALA A 125 -8.92 4.48 -17.18
C ALA A 125 -10.36 4.13 -17.55
N GLN A 126 -10.73 2.86 -17.41
CA GLN A 126 -12.08 2.41 -17.76
C GLN A 126 -13.12 2.91 -16.76
N PHE A 127 -12.72 3.01 -15.50
CA PHE A 127 -13.59 3.57 -14.47
C PHE A 127 -13.71 5.08 -14.64
N ALA A 128 -12.64 5.72 -15.11
CA ALA A 128 -12.67 7.15 -15.40
C ALA A 128 -13.68 7.40 -16.53
N ALA A 129 -13.58 6.62 -17.61
CA ALA A 129 -14.51 6.76 -18.75
C ALA A 129 -15.97 6.55 -18.33
N ALA A 130 -16.21 5.58 -17.46
CA ALA A 130 -17.56 5.30 -16.95
C ALA A 130 -18.09 6.45 -16.10
N MET A 131 -17.19 7.14 -15.40
CA MET A 131 -17.60 8.24 -14.54
C MET A 131 -17.60 9.58 -15.27
N GLY A 132 -17.35 9.53 -16.58
CA GLY A 132 -17.40 10.72 -17.42
C GLY A 132 -16.20 11.64 -17.32
N VAL A 133 -15.18 11.22 -16.57
CA VAL A 133 -13.93 11.99 -16.47
C VAL A 133 -13.37 12.22 -17.88
N PRO A 134 -13.12 13.50 -18.23
CA PRO A 134 -12.61 13.88 -19.56
C PRO A 134 -11.28 13.21 -19.93
N GLU A 135 -11.15 12.86 -21.21
CA GLU A 135 -9.98 12.18 -21.73
C GLU A 135 -9.20 13.12 -22.64
N ILE A 136 -8.28 13.87 -22.05
CA ILE A 136 -7.41 14.79 -22.80
C ILE A 136 -6.11 14.08 -23.21
N PRO A 137 -5.42 14.61 -24.24
CA PRO A 137 -4.12 14.00 -24.62
C PRO A 137 -3.07 14.17 -23.52
N GLY A 138 -2.15 13.20 -23.43
CA GLY A 138 -1.10 13.21 -22.41
C GLY A 138 -0.23 14.46 -22.45
N GLU A 139 0.11 14.89 -23.66
CA GLU A 139 0.96 16.06 -23.90
C GLU A 139 0.56 17.32 -23.11
N LYS A 140 -0.73 17.58 -22.97
CA LYS A 140 -1.21 18.79 -22.29
C LYS A 140 -0.90 18.83 -20.78
N LEU A 141 -0.60 17.67 -20.19
CA LEU A 141 -0.14 17.58 -18.81
C LEU A 141 1.39 17.69 -18.74
N VAL A 142 2.04 17.47 -19.87
CA VAL A 142 3.49 17.63 -20.00
C VAL A 142 3.82 19.12 -20.15
N THR A 143 4.62 19.64 -19.23
CA THR A 143 5.10 21.01 -19.33
C THR A 143 6.44 21.02 -20.04
N GLU A 144 6.95 22.22 -20.32
CA GLU A 144 8.28 22.38 -20.90
C GLU A 144 9.40 22.10 -19.90
N ARG A 145 9.22 22.57 -18.66
CA ARG A 145 10.19 22.33 -17.59
C ARG A 145 10.46 20.84 -17.40
N ASN A 146 9.39 20.04 -17.48
CA ASN A 146 9.51 18.61 -17.22
C ASN A 146 10.16 17.82 -18.37
N LYS A 147 10.07 18.38 -19.57
CA LYS A 147 10.81 17.87 -20.73
C LYS A 147 12.32 17.98 -20.48
N LYS A 148 12.74 19.16 -20.01
CA LYS A 148 14.15 19.44 -19.67
C LYS A 148 14.77 18.50 -18.63
N ARG A 149 14.13 18.37 -17.47
CA ARG A 149 14.64 17.51 -16.39
C ARG A 149 14.81 16.03 -16.75
N LEU A 150 13.94 15.54 -17.63
CA LEU A 150 13.98 14.13 -18.06
C LEU A 150 15.20 13.86 -18.95
N GLU A 151 15.41 14.73 -19.93
CA GLU A 151 16.59 14.64 -20.79
C GLU A 151 17.88 14.85 -19.99
N LYS A 152 17.77 15.53 -18.85
CA LYS A 152 18.91 15.82 -17.96
C LYS A 152 19.18 14.76 -16.88
N GLU A 153 18.15 13.99 -16.51
CA GLU A 153 18.30 12.91 -15.52
C GLU A 153 19.06 11.71 -16.09
N LYS A 154 18.64 11.28 -17.28
CA LYS A 154 19.24 10.16 -18.01
C LYS A 154 20.73 10.39 -18.32
N HIS A 155 21.14 11.66 -18.28
CA HIS A 155 22.51 12.04 -18.63
C HIS A 155 23.15 12.91 -17.56
N THR A 170 5.51 16.19 -5.24
CA THR A 170 4.31 15.58 -4.69
C THR A 170 3.49 16.67 -4.03
N VAL A 171 2.17 16.48 -3.98
CA VAL A 171 1.31 17.42 -3.28
C VAL A 171 0.41 16.67 -2.31
N GLY A 172 0.09 17.33 -1.19
CA GLY A 172 -0.80 16.74 -0.20
C GLY A 172 -1.68 17.72 0.55
N ALA A 173 -2.67 17.17 1.26
CA ALA A 173 -3.51 17.95 2.16
C ALA A 173 -4.11 17.06 3.24
N VAL A 174 -4.12 17.58 4.46
CA VAL A 174 -4.79 17.00 5.60
C VAL A 174 -5.78 18.06 6.11
N ALA A 175 -6.95 17.63 6.56
CA ALA A 175 -7.90 18.56 7.17
C ALA A 175 -8.65 17.92 8.34
N LEU A 176 -8.97 18.74 9.32
CA LEU A 176 -9.96 18.40 10.34
C LEU A 176 -11.15 19.34 10.10
N ASP A 177 -12.37 18.82 10.15
CA ASP A 177 -13.54 19.68 9.93
C ASP A 177 -14.22 20.04 11.26
N CYS A 178 -15.27 20.86 11.21
CA CYS A 178 -16.00 21.23 12.43
C CYS A 178 -16.71 20.05 13.08
N LYS A 179 -17.11 19.06 12.28
CA LYS A 179 -17.72 17.83 12.79
C LYS A 179 -16.70 16.83 13.34
N GLY A 180 -15.42 17.20 13.31
CA GLY A 180 -14.38 16.33 13.85
C GLY A 180 -13.89 15.26 12.89
N ASN A 181 -14.36 15.28 11.64
CA ASN A 181 -13.84 14.37 10.60
C ASN A 181 -12.44 14.85 10.19
N VAL A 182 -11.50 13.92 10.09
CA VAL A 182 -10.19 14.18 9.50
C VAL A 182 -10.10 13.45 8.16
N ALA A 183 -9.28 13.98 7.26
CA ALA A 183 -9.00 13.34 5.96
C ALA A 183 -7.56 13.61 5.51
N TYR A 184 -7.07 12.80 4.55
CA TYR A 184 -5.87 13.15 3.78
C TYR A 184 -6.13 12.96 2.30
N ALA A 185 -5.44 13.78 1.51
CA ALA A 185 -5.23 13.50 0.10
C ALA A 185 -3.74 13.60 -0.22
N THR A 186 -3.31 12.77 -1.17
CA THR A 186 -1.97 12.83 -1.77
C THR A 186 -2.09 12.54 -3.28
N SER A 187 -1.39 13.35 -4.09
CA SER A 187 -1.27 13.14 -5.54
C SER A 187 0.16 13.41 -5.99
N THR A 188 0.56 12.76 -7.08
CA THR A 188 1.94 12.83 -7.55
C THR A 188 2.07 12.48 -9.02
N GLY A 189 3.17 12.94 -9.62
CA GLY A 189 3.62 12.46 -10.93
C GLY A 189 4.71 11.40 -10.75
N GLY A 190 5.00 11.07 -9.50
CA GLY A 190 6.02 10.07 -9.17
C GLY A 190 7.40 10.70 -9.08
N ILE A 191 8.40 9.99 -9.58
CA ILE A 191 9.77 10.51 -9.64
C ILE A 191 10.28 10.48 -11.09
N VAL A 192 11.04 11.50 -11.47
CA VAL A 192 11.52 11.67 -12.85
C VAL A 192 12.29 10.43 -13.38
N ASN A 193 11.94 10.03 -14.60
CA ASN A 193 12.56 8.88 -15.28
C ASN A 193 12.26 7.53 -14.63
N LYS A 194 11.24 7.51 -13.76
CA LYS A 194 10.75 6.26 -13.20
C LYS A 194 10.48 5.24 -14.30
N MET A 195 10.64 3.98 -13.96
CA MET A 195 10.34 2.92 -14.90
C MET A 195 8.86 3.00 -15.22
N VAL A 196 8.51 2.61 -16.44
CA VAL A 196 7.11 2.52 -16.85
C VAL A 196 6.29 1.75 -15.82
N GLY A 197 5.18 2.35 -15.39
CA GLY A 197 4.30 1.72 -14.41
C GLY A 197 4.88 1.57 -13.01
N ARG A 198 5.89 2.37 -12.66
CA ARG A 198 6.35 2.40 -11.27
C ARG A 198 5.31 3.12 -10.40
N VAL A 199 4.99 2.49 -9.27
CA VAL A 199 4.06 3.01 -8.27
C VAL A 199 4.85 3.35 -7.02
N GLY A 200 4.75 4.61 -6.59
CA GLY A 200 5.30 5.09 -5.32
C GLY A 200 4.35 4.93 -4.15
N ASP A 201 4.67 5.61 -3.04
CA ASP A 201 3.84 5.62 -1.84
C ASP A 201 2.49 6.25 -2.05
N SER A 202 2.40 7.20 -2.97
CA SER A 202 1.26 8.15 -3.00
C SER A 202 -0.16 7.60 -3.05
N PRO A 203 -0.38 6.44 -3.71
CA PRO A 203 -1.73 5.87 -3.72
C PRO A 203 -1.88 4.73 -2.70
N CYS A 204 -0.92 4.64 -1.78
CA CYS A 204 -0.86 3.52 -0.85
C CYS A 204 -1.18 3.99 0.58
N LEU A 205 -2.37 3.59 1.04
CA LEU A 205 -2.84 3.90 2.39
C LEU A 205 -1.79 3.50 3.39
N GLY A 206 -1.52 4.37 4.36
CA GLY A 206 -0.51 4.11 5.37
C GLY A 206 0.87 4.58 4.93
N ALA A 207 1.04 4.75 3.61
CA ALA A 207 2.33 5.21 3.05
C ALA A 207 2.26 6.68 2.63
N GLY A 208 1.56 6.96 1.53
CA GLY A 208 1.30 8.34 1.08
C GLY A 208 0.46 9.16 2.07
N GLY A 209 -0.41 8.47 2.79
CA GLY A 209 -1.20 9.05 3.87
C GLY A 209 -2.01 8.03 4.69
N TYR A 210 -2.64 8.54 5.74
CA TYR A 210 -3.62 7.78 6.53
C TYR A 210 -4.53 8.76 7.29
N ALA A 211 -5.84 8.53 7.22
CA ALA A 211 -6.81 9.32 7.99
C ALA A 211 -7.60 8.42 8.95
N ASP A 212 -7.67 8.87 10.20
CA ASP A 212 -8.36 8.13 11.26
C ASP A 212 -8.91 9.16 12.28
N ASN A 213 -10.23 9.30 12.29
CA ASN A 213 -10.93 10.20 13.21
C ASN A 213 -10.51 10.05 14.65
N ASP A 214 -10.03 8.85 15.01
CA ASP A 214 -9.65 8.56 16.39
C ASP A 214 -8.17 8.83 16.72
N ILE A 215 -7.37 9.15 15.70
CA ILE A 215 -6.01 9.61 15.95
C ILE A 215 -5.77 10.95 15.23
N GLY A 216 -5.84 10.91 13.91
CA GLY A 216 -5.62 12.08 13.08
C GLY A 216 -5.33 11.69 11.64
N ALA A 217 -4.72 12.61 10.91
CA ALA A 217 -4.38 12.36 9.51
C ALA A 217 -2.97 12.84 9.17
N VAL A 218 -2.28 12.05 8.36
CA VAL A 218 -0.95 12.40 7.89
C VAL A 218 -0.96 12.31 6.36
N SER A 219 -0.28 13.24 5.70
CA SER A 219 0.06 13.13 4.29
C SER A 219 1.59 13.23 4.20
N THR A 220 2.22 12.38 3.38
CA THR A 220 3.67 12.34 3.28
C THR A 220 4.19 12.72 1.88
N THR A 221 5.52 12.85 1.78
CA THR A 221 6.25 13.09 0.54
C THR A 221 7.70 12.64 0.67
N GLY A 222 8.37 12.51 -0.48
CA GLY A 222 9.79 12.15 -0.54
C GLY A 222 10.03 10.87 -1.32
N HIS A 223 11.15 10.21 -1.04
CA HIS A 223 11.47 8.97 -1.74
C HIS A 223 10.44 7.88 -1.43
N GLY A 224 9.55 7.64 -2.39
CA GLY A 224 8.43 6.73 -2.20
C GLY A 224 8.76 5.34 -1.67
N GLU A 225 9.82 4.75 -2.22
CA GLU A 225 10.23 3.38 -1.87
C GLU A 225 10.56 3.27 -0.38
N SER A 226 11.21 4.31 0.17
CA SER A 226 11.46 4.42 1.61
C SER A 226 10.17 4.51 2.44
N ILE A 227 9.24 5.33 1.95
CA ILE A 227 7.97 5.59 2.61
C ILE A 227 7.09 4.35 2.64
N LEU A 228 7.07 3.59 1.54
CA LEU A 228 6.37 2.30 1.47
C LEU A 228 6.91 1.30 2.49
N LYS A 229 8.24 1.21 2.59
CA LYS A 229 8.91 0.21 3.42
C LYS A 229 8.63 0.43 4.90
N VAL A 230 8.67 1.68 5.33
CA VAL A 230 8.42 1.98 6.73
C VAL A 230 6.96 2.30 7.06
N ASN A 231 6.10 2.36 6.04
CA ASN A 231 4.69 2.80 6.21
C ASN A 231 4.67 4.14 6.96
N LEU A 232 5.30 5.15 6.38
CA LEU A 232 5.61 6.38 7.11
C LEU A 232 4.39 7.04 7.74
N ALA A 233 3.31 7.17 6.97
CA ALA A 233 2.12 7.86 7.47
C ALA A 233 1.50 7.14 8.66
N ARG A 234 1.18 5.87 8.53
CA ARG A 234 0.69 5.09 9.67
C ARG A 234 1.69 5.03 10.82
N LEU A 235 2.99 5.15 10.53
CA LEU A 235 4.01 5.13 11.58
C LEU A 235 3.92 6.36 12.47
N THR A 236 3.73 7.52 11.83
CA THR A 236 3.56 8.77 12.54
C THR A 236 2.39 8.63 13.50
N LEU A 237 1.22 8.23 12.98
CA LEU A 237 0.00 8.08 13.78
C LEU A 237 0.17 7.16 14.97
N PHE A 238 1.04 6.14 14.83
CA PHE A 238 1.38 5.22 15.92
CA PHE A 238 1.32 5.24 15.93
C PHE A 238 1.99 5.98 17.10
N HIS A 239 2.86 6.93 16.79
CA HIS A 239 3.55 7.71 17.82
C HIS A 239 2.58 8.58 18.61
N ILE A 240 1.66 9.25 17.90
CA ILE A 240 0.58 9.99 18.54
C ILE A 240 -0.19 9.07 19.49
N GLU A 241 -0.51 7.86 19.03
CA GLU A 241 -1.19 6.86 19.85
C GLU A 241 -0.43 6.50 21.13
N GLN A 242 0.88 6.73 21.14
CA GLN A 242 1.70 6.46 22.32
C GLN A 242 1.72 7.65 23.29
N GLY A 243 1.26 8.80 22.80
CA GLY A 243 1.31 10.03 23.59
C GLY A 243 2.38 11.00 23.17
N LYS A 244 3.04 10.75 22.03
CA LYS A 244 3.95 11.76 21.48
C LYS A 244 3.11 12.88 20.86
N THR A 245 3.57 14.12 20.94
CA THR A 245 2.89 15.23 20.28
C THR A 245 3.06 15.06 18.75
N VAL A 246 2.31 15.84 17.96
CA VAL A 246 2.40 15.73 16.49
C VAL A 246 3.80 16.01 15.91
N GLU A 247 4.56 16.95 16.50
CA GLU A 247 5.92 17.20 16.02
C GLU A 247 6.89 16.12 16.52
N GLU A 248 6.67 15.61 17.72
CA GLU A 248 7.44 14.48 18.22
C GLU A 248 7.17 13.23 17.36
N ALA A 249 5.92 13.09 16.96
CA ALA A 249 5.50 11.92 16.14
C ALA A 249 6.21 11.95 14.80
N ALA A 250 6.15 13.11 14.15
CA ALA A 250 6.82 13.31 12.89
C ALA A 250 8.34 13.17 13.03
N ASP A 251 8.91 13.73 14.10
CA ASP A 251 10.38 13.70 14.26
C ASP A 251 10.88 12.25 14.19
N LEU A 252 10.26 11.38 14.99
CA LEU A 252 10.70 9.98 15.17
C LEU A 252 10.43 9.07 13.98
N SER A 253 9.25 9.23 13.37
CA SER A 253 8.87 8.45 12.19
C SER A 253 9.76 8.83 11.00
N LEU A 254 9.97 10.12 10.80
CA LEU A 254 10.94 10.56 9.79
C LEU A 254 12.36 10.12 10.18
N GLY A 255 12.69 10.25 11.47
CA GLY A 255 13.96 9.76 12.02
C GLY A 255 14.26 8.31 11.70
N TYR A 256 13.22 7.47 11.77
CA TYR A 256 13.31 6.05 11.50
C TYR A 256 13.54 5.76 10.02
N MET A 257 12.82 6.48 9.16
CA MET A 257 13.01 6.28 7.72
C MET A 257 14.46 6.59 7.32
N LYS A 258 15.04 7.60 7.98
CA LYS A 258 16.44 8.01 7.76
C LYS A 258 17.46 6.91 8.10
N SER A 259 17.38 6.38 9.31
CA SER A 259 18.37 5.42 9.82
C SER A 259 18.24 4.04 9.17
N ARG A 260 17.00 3.57 9.02
CA ARG A 260 16.73 2.21 8.60
C ARG A 260 16.81 2.00 7.07
N VAL A 261 16.21 2.88 6.28
CA VAL A 261 16.14 2.69 4.81
C VAL A 261 16.88 3.76 3.99
N LYS A 262 17.51 4.70 4.70
CA LYS A 262 18.28 5.82 4.14
C LYS A 262 17.39 6.78 3.36
N GLY A 263 16.22 7.07 3.93
CA GLY A 263 15.17 7.77 3.20
C GLY A 263 14.82 9.12 3.75
N LEU A 264 14.66 10.07 2.83
CA LEU A 264 14.32 11.44 3.16
C LEU A 264 12.98 11.80 2.55
N GLY A 265 12.34 12.79 3.16
CA GLY A 265 11.08 13.33 2.68
C GLY A 265 10.47 14.24 3.72
N GLY A 266 9.13 14.24 3.80
CA GLY A 266 8.43 15.09 4.75
C GLY A 266 6.99 14.67 4.95
N LEU A 267 6.34 15.27 5.95
CA LEU A 267 4.93 15.04 6.17
C LEU A 267 4.19 16.27 6.67
N ILE A 268 2.87 16.19 6.59
CA ILE A 268 1.99 17.10 7.32
C ILE A 268 1.10 16.23 8.21
N VAL A 269 0.89 16.65 9.45
CA VAL A 269 0.04 15.89 10.37
C VAL A 269 -0.92 16.79 11.13
N VAL A 270 -2.10 16.26 11.39
CA VAL A 270 -3.12 16.93 12.18
C VAL A 270 -3.65 15.89 13.18
N SER A 271 -3.66 16.25 14.46
CA SER A 271 -4.27 15.42 15.49
C SER A 271 -5.78 15.60 15.49
N LYS A 272 -6.48 14.62 16.03
CA LYS A 272 -7.94 14.64 16.16
C LYS A 272 -8.44 15.89 16.91
N THR A 273 -7.58 16.46 17.76
CA THR A 273 -7.95 17.55 18.66
C THR A 273 -7.58 18.95 18.09
N GLY A 274 -6.88 18.99 16.97
CA GLY A 274 -6.61 20.25 16.29
C GLY A 274 -5.15 20.58 15.98
N ASP A 275 -4.23 20.03 16.79
CA ASP A 275 -2.80 20.27 16.65
C ASP A 275 -2.32 19.88 15.26
N TRP A 276 -1.20 20.45 14.84
CA TRP A 276 -0.70 20.26 13.49
C TRP A 276 0.76 20.68 13.37
N VAL A 277 1.44 20.14 12.36
CA VAL A 277 2.78 20.57 12.03
C VAL A 277 3.12 20.16 10.59
N ALA A 278 4.13 20.83 10.05
CA ALA A 278 4.85 20.37 8.88
C ALA A 278 6.30 20.10 9.28
N LYS A 279 6.78 18.88 9.02
CA LYS A 279 8.18 18.50 9.26
C LYS A 279 8.78 17.82 8.03
N TRP A 280 10.10 17.92 7.88
CA TRP A 280 10.82 17.30 6.77
C TRP A 280 12.32 17.16 7.05
N THR A 281 12.87 16.03 6.63
CA THR A 281 14.30 15.73 6.75
C THR A 281 15.00 16.02 5.43
N SER A 282 14.22 16.22 4.37
CA SER A 282 14.76 16.67 3.09
C SER A 282 15.18 18.14 3.19
N THR A 283 15.70 18.71 2.11
CA THR A 283 16.17 20.10 2.16
C THR A 283 15.02 21.06 2.43
N SER A 284 13.98 20.97 1.60
CA SER A 284 12.84 21.87 1.68
CA SER A 284 12.83 21.86 1.73
C SER A 284 11.52 21.15 1.41
N MET A 285 10.44 21.66 2.00
CA MET A 285 9.10 21.16 1.72
C MET A 285 8.10 22.30 1.74
N PRO A 286 7.74 22.87 0.57
CA PRO A 286 6.73 23.93 0.56
C PRO A 286 5.48 23.44 1.30
N TRP A 287 4.95 24.26 2.18
CA TRP A 287 3.77 23.89 2.96
C TRP A 287 2.94 25.13 3.34
N ALA A 288 1.68 24.90 3.71
CA ALA A 288 0.82 25.95 4.22
C ALA A 288 -0.23 25.39 5.15
N ALA A 289 -0.65 26.23 6.11
CA ALA A 289 -1.67 25.85 7.07
C ALA A 289 -2.64 27.01 7.23
N ALA A 290 -3.87 26.67 7.60
CA ALA A 290 -4.90 27.68 7.87
C ALA A 290 -5.72 27.19 9.04
N LYS A 291 -5.77 28.03 10.08
CA LYS A 291 -6.59 27.81 11.27
C LYS A 291 -6.78 29.15 11.96
N ASP A 292 -7.89 29.28 12.70
CA ASP A 292 -8.18 30.48 13.50
C ASP A 292 -7.92 31.79 12.75
N GLY A 293 -8.35 31.84 11.50
CA GLY A 293 -8.23 33.03 10.67
C GLY A 293 -6.81 33.45 10.34
N LYS A 294 -5.87 32.52 10.53
CA LYS A 294 -4.44 32.78 10.26
C LYS A 294 -3.88 31.80 9.23
N LEU A 295 -2.95 32.29 8.40
CA LEU A 295 -2.22 31.43 7.45
C LEU A 295 -0.76 31.28 7.86
N HIS A 296 -0.34 30.02 8.05
CA HIS A 296 1.06 29.68 8.29
C HIS A 296 1.65 29.15 6.98
N PHE A 297 2.81 29.68 6.57
CA PHE A 297 3.47 29.28 5.32
C PHE A 297 4.99 29.26 5.46
N GLY A 298 5.62 28.24 4.88
CA GLY A 298 7.08 28.16 4.83
C GLY A 298 7.55 27.22 3.73
N ILE A 299 8.88 27.23 3.49
CA ILE A 299 9.53 26.30 2.55
C ILE A 299 10.81 25.72 3.17
N ASP A 300 11.64 26.59 3.76
CA ASP A 300 12.88 26.20 4.43
C ASP A 300 12.63 26.07 5.94
N PRO A 301 13.49 25.32 6.67
CA PRO A 301 13.22 25.15 8.10
C PRO A 301 13.15 26.47 8.87
N ASP A 302 12.04 26.69 9.56
CA ASP A 302 11.72 27.93 10.30
C ASP A 302 11.95 29.24 9.52
N ASP A 303 11.08 29.46 8.53
CA ASP A 303 11.01 30.67 7.72
C ASP A 303 9.57 31.17 7.68
N THR A 304 8.78 30.69 8.65
CA THR A 304 7.32 30.78 8.62
C THR A 304 6.78 32.20 8.69
N THR A 305 5.93 32.55 7.73
CA THR A 305 5.20 33.81 7.78
C THR A 305 3.76 33.54 8.20
N ILE A 306 3.42 33.97 9.42
CA ILE A 306 2.04 33.85 9.90
C ILE A 306 1.30 35.14 9.59
N THR A 307 0.34 35.05 8.67
CA THR A 307 -0.40 36.24 8.25
C THR A 307 -1.90 36.07 8.46
N ASP A 308 -2.62 37.18 8.38
CA ASP A 308 -4.07 37.16 8.52
C ASP A 308 -4.75 36.70 7.24
N LEU A 309 -5.65 35.75 7.39
CA LEU A 309 -6.63 35.44 6.36
C LEU A 309 -7.83 36.33 6.65
N PRO A 310 -8.31 37.07 5.63
CA PRO A 310 -9.49 37.91 5.80
C PRO A 310 -10.73 37.08 6.14
N HIS B 2 22.53 -20.03 16.47
CA HIS B 2 21.71 -19.95 15.22
C HIS B 2 20.25 -20.23 15.54
N MET B 3 19.36 -19.70 14.72
CA MET B 3 17.93 -19.75 15.02
C MET B 3 17.32 -21.04 14.51
N ASN B 4 16.41 -21.64 15.28
CA ASN B 4 15.58 -22.73 14.77
C ASN B 4 14.62 -22.21 13.69
N PRO B 5 14.91 -22.52 12.40
CA PRO B 5 14.12 -22.05 11.26
C PRO B 5 12.67 -22.51 11.29
N ILE B 6 11.80 -21.68 10.73
CA ILE B 6 10.39 -21.98 10.60
C ILE B 6 9.83 -21.37 9.33
N VAL B 7 8.88 -22.08 8.73
CA VAL B 7 8.08 -21.52 7.66
C VAL B 7 6.61 -21.77 7.97
N VAL B 8 5.79 -20.72 7.91
CA VAL B 8 4.35 -20.89 7.96
C VAL B 8 3.82 -20.59 6.56
N VAL B 9 2.73 -21.25 6.16
CA VAL B 9 2.09 -20.99 4.87
C VAL B 9 0.56 -20.88 5.01
N HIS B 10 -0.08 -20.14 4.09
CA HIS B 10 -1.54 -20.16 4.00
C HIS B 10 -2.06 -20.20 2.57
N GLY B 11 -3.29 -20.68 2.42
CA GLY B 11 -3.94 -20.79 1.12
C GLY B 11 -5.28 -20.07 1.03
N GLY B 12 -5.50 -19.09 1.91
CA GLY B 12 -6.64 -18.19 1.75
C GLY B 12 -7.78 -18.36 2.75
N GLY B 13 -8.10 -17.28 3.43
CA GLY B 13 -9.32 -17.21 4.25
C GLY B 13 -10.53 -17.37 3.37
N ALA B 14 -11.54 -18.06 3.88
CA ALA B 14 -12.74 -18.34 3.10
C ALA B 14 -13.80 -19.03 3.97
N GLY B 15 -14.96 -19.27 3.36
CA GLY B 15 -16.06 -19.93 4.03
C GLY B 15 -15.86 -21.44 4.03
N PRO B 16 -16.97 -22.18 4.11
CA PRO B 16 -16.92 -23.65 4.12
C PRO B 16 -16.31 -24.21 2.84
N ILE B 17 -15.49 -25.24 3.00
CA ILE B 17 -14.81 -25.88 1.87
C ILE B 17 -15.28 -27.32 1.71
N SER B 18 -15.44 -27.76 0.45
CA SER B 18 -15.86 -29.13 0.17
C SER B 18 -14.87 -30.12 0.77
N LYS B 19 -15.41 -31.18 1.38
CA LYS B 19 -14.61 -32.19 2.11
C LYS B 19 -13.62 -32.87 1.18
N ASP B 20 -14.07 -33.16 -0.04
CA ASP B 20 -13.25 -33.76 -1.08
C ASP B 20 -12.13 -32.80 -1.47
N ARG B 21 -12.50 -31.52 -1.64
CA ARG B 21 -11.55 -30.46 -1.99
C ARG B 21 -10.54 -30.24 -0.87
N LYS B 22 -10.99 -30.34 0.38
CA LYS B 22 -10.11 -30.27 1.55
C LYS B 22 -8.85 -31.11 1.38
N GLU B 23 -8.97 -32.23 0.68
CA GLU B 23 -7.85 -33.14 0.48
C GLU B 23 -6.86 -32.63 -0.55
N ARG B 24 -7.36 -31.98 -1.60
CA ARG B 24 -6.48 -31.33 -2.58
C ARG B 24 -5.81 -30.11 -1.97
N VAL B 25 -6.55 -29.38 -1.14
CA VAL B 25 -6.03 -28.22 -0.42
C VAL B 25 -5.00 -28.63 0.63
N HIS B 26 -5.38 -29.57 1.50
CA HIS B 26 -4.48 -30.12 2.53
C HIS B 26 -3.12 -30.54 1.95
N GLN B 27 -3.17 -31.32 0.87
CA GLN B 27 -1.95 -31.75 0.19
C GLN B 27 -1.21 -30.58 -0.45
N GLY B 28 -1.98 -29.59 -0.90
CA GLY B 28 -1.43 -28.31 -1.37
C GLY B 28 -0.62 -27.68 -0.27
N MET B 29 -1.28 -27.41 0.87
CA MET B 29 -0.61 -26.85 2.06
C MET B 29 0.68 -27.60 2.40
N VAL B 30 0.55 -28.93 2.50
CA VAL B 30 1.65 -29.85 2.82
C VAL B 30 2.87 -29.63 1.91
N ARG B 31 2.63 -29.66 0.60
CA ARG B 31 3.66 -29.52 -0.42
C ARG B 31 4.36 -28.17 -0.44
N ALA B 32 3.63 -27.10 -0.12
CA ALA B 32 4.20 -25.76 -0.08
C ALA B 32 5.04 -25.55 1.17
N ALA B 33 4.58 -26.13 2.29
CA ALA B 33 5.31 -26.05 3.54
C ALA B 33 6.63 -26.81 3.47
N THR B 34 6.57 -28.02 2.92
CA THR B 34 7.73 -28.88 2.77
C THR B 34 8.73 -28.28 1.77
N VAL B 35 8.22 -27.72 0.66
CA VAL B 35 9.06 -26.97 -0.27
C VAL B 35 9.78 -25.88 0.52
N GLY B 36 8.99 -25.07 1.25
CA GLY B 36 9.54 -24.03 2.12
C GLY B 36 10.60 -24.54 3.09
N TYR B 37 10.29 -25.62 3.80
CA TYR B 37 11.20 -26.15 4.83
C TYR B 37 12.45 -26.78 4.23
N GLY B 38 12.34 -27.28 3.00
CA GLY B 38 13.47 -27.90 2.30
C GLY B 38 14.49 -26.90 1.83
N ILE B 39 14.00 -25.71 1.46
CA ILE B 39 14.86 -24.60 1.08
C ILE B 39 15.58 -24.07 2.33
N LEU B 40 14.88 -24.00 3.47
CA LEU B 40 15.51 -23.62 4.73
C LEU B 40 16.51 -24.68 5.22
N ARG B 41 16.13 -25.96 5.11
CA ARG B 41 16.99 -27.11 5.46
C ARG B 41 18.45 -26.93 5.02
N GLU B 42 18.66 -26.53 3.77
CA GLU B 42 19.99 -26.28 3.22
C GLU B 42 20.68 -25.09 3.93
N GLY B 43 20.00 -24.50 4.91
CA GLY B 43 20.42 -23.23 5.50
C GLY B 43 20.16 -22.10 4.53
N GLY B 44 19.02 -22.16 3.84
CA GLY B 44 18.64 -21.16 2.84
C GLY B 44 18.06 -19.92 3.49
N SER B 45 17.84 -18.86 2.72
CA SER B 45 17.38 -17.59 3.34
C SER B 45 15.86 -17.53 3.50
N ALA B 46 15.40 -16.69 4.43
CA ALA B 46 13.97 -16.48 4.66
C ALA B 46 13.25 -16.06 3.38
N VAL B 47 13.86 -15.15 2.62
CA VAL B 47 13.30 -14.68 1.35
C VAL B 47 13.20 -15.82 0.33
N ASP B 48 14.25 -16.65 0.23
CA ASP B 48 14.24 -17.82 -0.66
C ASP B 48 13.06 -18.72 -0.35
N ALA B 49 12.87 -18.98 0.94
CA ALA B 49 11.92 -19.96 1.44
C ALA B 49 10.49 -19.50 1.19
N VAL B 50 10.22 -18.22 1.42
CA VAL B 50 8.86 -17.68 1.21
C VAL B 50 8.55 -17.61 -0.28
N GLU B 51 9.52 -17.17 -1.08
CA GLU B 51 9.38 -17.20 -2.53
C GLU B 51 9.06 -18.61 -3.04
N GLY B 52 9.88 -19.60 -2.64
CA GLY B 52 9.67 -20.99 -3.07
C GLY B 52 8.33 -21.57 -2.64
N ALA B 53 7.94 -21.32 -1.39
CA ALA B 53 6.66 -21.78 -0.84
C ALA B 53 5.49 -21.28 -1.70
N VAL B 54 5.56 -20.01 -2.08
CA VAL B 54 4.49 -19.33 -2.80
C VAL B 54 4.46 -19.70 -4.29
N VAL B 55 5.63 -19.92 -4.90
CA VAL B 55 5.68 -20.42 -6.28
C VAL B 55 4.87 -21.71 -6.37
N ALA B 56 5.08 -22.59 -5.40
CA ALA B 56 4.39 -23.88 -5.32
C ALA B 56 2.89 -23.70 -5.28
N LEU B 57 2.43 -22.75 -4.48
CA LEU B 57 1.00 -22.50 -4.34
C LEU B 57 0.40 -21.80 -5.55
N GLU B 58 1.19 -20.98 -6.24
CA GLU B 58 0.77 -20.40 -7.52
C GLU B 58 0.48 -21.49 -8.56
N ASP B 59 1.40 -22.45 -8.68
CA ASP B 59 1.25 -23.55 -9.62
C ASP B 59 0.14 -24.54 -9.29
N ASP B 60 -0.31 -24.57 -8.03
CA ASP B 60 -1.33 -25.50 -7.55
C ASP B 60 -2.74 -24.91 -7.81
N PRO B 61 -3.55 -25.54 -8.70
CA PRO B 61 -4.84 -24.96 -9.16
C PRO B 61 -5.94 -24.86 -8.10
N GLU B 62 -5.70 -25.45 -6.93
CA GLU B 62 -6.66 -25.39 -5.83
C GLU B 62 -6.64 -24.02 -5.12
N PHE B 63 -5.65 -23.18 -5.42
CA PHE B 63 -5.52 -21.91 -4.73
C PHE B 63 -5.60 -20.72 -5.65
N ASN B 64 -6.28 -19.68 -5.17
CA ASN B 64 -6.44 -18.42 -5.90
C ASN B 64 -5.17 -17.59 -5.85
N ALA B 65 -4.19 -18.02 -6.65
CA ALA B 65 -2.97 -17.29 -6.96
C ALA B 65 -2.42 -18.05 -8.16
N GLY B 66 -1.63 -17.40 -9.01
CA GLY B 66 -1.10 -18.05 -10.22
C GLY B 66 -2.19 -18.87 -10.90
N CYS B 67 -1.90 -20.12 -11.27
CA CYS B 67 -2.91 -21.00 -11.86
C CYS B 67 -4.02 -21.27 -10.86
N GLY B 68 -5.26 -21.01 -11.26
CA GLY B 68 -6.40 -21.15 -10.34
C GLY B 68 -6.78 -19.84 -9.67
N SER B 69 -6.17 -18.74 -10.13
CA SER B 69 -6.58 -17.39 -9.72
C SER B 69 -8.04 -17.16 -10.08
N VAL B 70 -8.78 -16.52 -9.16
CA VAL B 70 -10.17 -16.14 -9.42
C VAL B 70 -10.27 -15.22 -10.65
N LEU B 71 -11.49 -15.04 -11.13
CA LEU B 71 -11.73 -14.28 -12.35
C LEU B 71 -12.34 -12.93 -12.01
N ASN B 72 -11.87 -11.89 -12.70
CA ASN B 72 -12.45 -10.56 -12.57
C ASN B 72 -13.74 -10.48 -13.36
N THR B 73 -14.46 -9.36 -13.24
CA THR B 73 -15.74 -9.17 -13.94
C THR B 73 -15.73 -9.59 -15.43
N ASN B 74 -14.55 -9.53 -16.06
CA ASN B 74 -14.37 -9.88 -17.47
C ASN B 74 -14.00 -11.35 -17.73
N GLY B 75 -14.13 -12.17 -16.68
CA GLY B 75 -13.76 -13.58 -16.72
C GLY B 75 -12.29 -13.79 -17.00
N GLU B 76 -11.46 -12.88 -16.50
CA GLU B 76 -10.04 -12.81 -16.83
C GLU B 76 -9.17 -12.72 -15.58
N VAL B 77 -7.91 -13.11 -15.72
CA VAL B 77 -6.97 -13.10 -14.59
C VAL B 77 -5.99 -11.93 -14.57
N GLU B 78 -6.00 -11.20 -13.44
CA GLU B 78 -5.05 -10.13 -13.14
C GLU B 78 -4.56 -10.40 -11.73
N MET B 79 -3.24 -10.48 -11.56
CA MET B 79 -2.66 -10.99 -10.33
C MET B 79 -1.90 -9.93 -9.52
N ASP B 80 -1.86 -10.15 -8.20
CA ASP B 80 -1.19 -9.27 -7.23
C ASP B 80 -0.18 -10.06 -6.36
N ALA B 81 0.98 -9.46 -6.08
CA ALA B 81 2.02 -10.10 -5.25
C ALA B 81 3.00 -9.13 -4.58
N SER B 82 3.52 -9.54 -3.42
CA SER B 82 4.55 -8.77 -2.71
C SER B 82 5.42 -9.63 -1.83
N ILE B 83 6.67 -9.23 -1.72
CA ILE B 83 7.70 -9.99 -1.02
C ILE B 83 8.55 -8.99 -0.26
N MET B 84 8.99 -9.36 0.93
CA MET B 84 9.73 -8.42 1.76
C MET B 84 10.83 -9.07 2.57
N ASP B 85 12.01 -8.45 2.52
CA ASP B 85 13.21 -8.86 3.25
C ASP B 85 13.36 -8.09 4.55
N GLY B 86 13.14 -8.78 5.67
CA GLY B 86 13.20 -8.17 7.00
C GLY B 86 14.51 -7.52 7.45
N LYS B 87 15.59 -7.70 6.69
CA LYS B 87 16.90 -7.15 7.09
C LYS B 87 17.03 -5.66 6.79
N ASP B 88 16.79 -5.26 5.55
CA ASP B 88 16.80 -3.84 5.18
C ASP B 88 15.41 -3.32 4.76
N LEU B 89 14.39 -4.11 5.04
CA LEU B 89 13.01 -3.81 4.64
C LEU B 89 12.88 -3.71 3.13
N SER B 90 13.81 -4.31 2.37
CA SER B 90 13.67 -4.35 0.92
C SER B 90 12.45 -5.13 0.50
N ALA B 91 11.79 -4.62 -0.54
CA ALA B 91 10.49 -5.14 -0.93
C ALA B 91 10.31 -5.13 -2.44
N GLY B 92 9.54 -6.09 -2.93
CA GLY B 92 9.11 -6.12 -4.31
C GLY B 92 7.63 -6.46 -4.43
N ALA B 93 6.99 -5.88 -5.43
CA ALA B 93 5.54 -5.97 -5.60
C ALA B 93 5.13 -5.73 -7.04
N VAL B 94 4.13 -6.49 -7.46
CA VAL B 94 3.42 -6.28 -8.72
C VAL B 94 1.92 -6.27 -8.52
N SER B 95 1.23 -5.45 -9.31
CA SER B 95 -0.23 -5.43 -9.31
C SER B 95 -0.78 -5.50 -10.72
N ALA B 96 -1.94 -6.12 -10.85
CA ALA B 96 -2.67 -6.20 -12.12
C ALA B 96 -1.94 -6.94 -13.25
N VAL B 97 -1.16 -7.95 -12.91
CA VAL B 97 -0.35 -8.61 -13.94
C VAL B 97 -1.04 -9.83 -14.55
N GLN B 98 -0.78 -10.03 -15.84
CA GLN B 98 -1.54 -10.99 -16.65
C GLN B 98 -0.64 -11.98 -17.34
N CYS B 99 -1.19 -13.17 -17.56
CA CYS B 99 -0.57 -14.17 -18.42
C CYS B 99 0.88 -14.52 -18.05
N ILE B 100 1.16 -14.62 -16.75
CA ILE B 100 2.49 -15.08 -16.30
C ILE B 100 2.36 -16.16 -15.22
N ALA B 101 3.36 -17.03 -15.13
CA ALA B 101 3.29 -18.16 -14.21
C ALA B 101 3.39 -17.71 -12.75
N ASN B 102 4.46 -16.96 -12.45
CA ASN B 102 4.80 -16.70 -11.06
C ASN B 102 4.88 -15.21 -10.67
N PRO B 103 3.74 -14.61 -10.26
CA PRO B 103 3.76 -13.23 -9.77
C PRO B 103 4.82 -12.94 -8.69
N ILE B 104 4.96 -13.82 -7.70
CA ILE B 104 5.95 -13.62 -6.63
C ILE B 104 7.40 -13.52 -7.13
N LYS B 105 7.73 -14.25 -8.19
CA LYS B 105 9.07 -14.20 -8.78
C LYS B 105 9.35 -12.86 -9.40
N LEU B 106 8.34 -12.32 -10.09
CA LEU B 106 8.39 -10.97 -10.63
C LEU B 106 8.52 -9.93 -9.53
N ALA B 107 7.69 -10.04 -8.49
CA ALA B 107 7.86 -9.21 -7.30
C ALA B 107 9.30 -9.29 -6.81
N ARG B 108 9.85 -10.49 -6.66
CA ARG B 108 11.27 -10.65 -6.32
C ARG B 108 12.16 -10.01 -7.41
N LEU B 109 11.77 -10.15 -8.67
CA LEU B 109 12.52 -9.49 -9.75
C LEU B 109 12.51 -7.96 -9.62
N VAL B 110 11.40 -7.40 -9.13
CA VAL B 110 11.30 -5.95 -8.93
C VAL B 110 12.20 -5.48 -7.78
N MET B 111 12.16 -6.22 -6.68
CA MET B 111 12.98 -5.94 -5.50
C MET B 111 14.47 -5.98 -5.78
N GLU B 112 14.88 -6.95 -6.58
CA GLU B 112 16.30 -7.24 -6.81
C GLU B 112 16.89 -6.56 -8.03
N LYS B 113 16.09 -6.45 -9.09
CA LYS B 113 16.59 -5.97 -10.37
C LYS B 113 16.04 -4.61 -10.79
N THR B 114 15.46 -3.89 -9.82
CA THR B 114 15.09 -2.48 -10.03
C THR B 114 15.37 -1.63 -8.78
N PRO B 115 15.50 -0.31 -8.96
CA PRO B 115 15.65 0.55 -7.77
C PRO B 115 14.31 0.80 -7.06
N HIS B 116 13.22 0.40 -7.72
CA HIS B 116 11.86 0.56 -7.18
C HIS B 116 11.44 -0.62 -6.30
N CYS B 117 10.14 -0.68 -5.95
CA CYS B 117 9.59 -1.71 -5.07
CA CYS B 117 9.64 -1.78 -5.15
C CYS B 117 8.23 -2.24 -5.53
N PHE B 118 7.60 -1.53 -6.48
CA PHE B 118 6.20 -1.76 -6.86
C PHE B 118 5.93 -1.39 -8.32
N LEU B 119 5.71 -2.39 -9.17
CA LEU B 119 5.34 -2.17 -10.60
C LEU B 119 3.95 -2.68 -10.92
N THR B 120 3.28 -2.03 -11.87
CA THR B 120 1.85 -2.30 -12.13
C THR B 120 1.50 -2.57 -13.59
N ASP B 121 0.44 -3.36 -13.79
CA ASP B 121 -0.25 -3.55 -15.08
C ASP B 121 0.67 -3.62 -16.31
N GLN B 122 0.67 -2.59 -17.16
CA GLN B 122 1.40 -2.65 -18.43
C GLN B 122 2.92 -2.63 -18.25
N GLY B 123 3.43 -1.73 -17.39
CA GLY B 123 4.85 -1.67 -17.05
C GLY B 123 5.39 -2.87 -16.29
N ALA B 124 4.51 -3.57 -15.59
CA ALA B 124 4.88 -4.84 -14.97
C ALA B 124 5.03 -5.90 -16.06
N ALA B 125 4.11 -5.88 -17.04
CA ALA B 125 4.19 -6.76 -18.21
C ALA B 125 5.47 -6.50 -19.00
N GLN B 126 5.81 -5.23 -19.21
CA GLN B 126 7.02 -4.87 -19.95
C GLN B 126 8.26 -5.32 -19.19
N PHE B 127 8.24 -5.13 -17.87
CA PHE B 127 9.35 -5.57 -17.03
C PHE B 127 9.52 -7.08 -17.13
N ALA B 128 8.40 -7.80 -17.00
CA ALA B 128 8.41 -9.27 -17.09
C ALA B 128 9.17 -9.71 -18.34
N ALA B 129 8.72 -9.24 -19.51
CA ALA B 129 9.37 -9.57 -20.79
C ALA B 129 10.87 -9.28 -20.77
N ALA B 130 11.26 -8.08 -20.35
CA ALA B 130 12.67 -7.67 -20.32
C ALA B 130 13.54 -8.58 -19.43
N MET B 131 12.91 -9.21 -18.44
CA MET B 131 13.60 -10.14 -17.55
C MET B 131 13.59 -11.58 -18.05
N GLY B 132 12.92 -11.80 -19.19
CA GLY B 132 12.81 -13.13 -19.77
C GLY B 132 11.82 -14.00 -19.02
N VAL B 133 10.68 -13.41 -18.65
CA VAL B 133 9.60 -14.17 -18.05
C VAL B 133 8.68 -14.68 -19.17
N PRO B 134 8.45 -16.01 -19.21
CA PRO B 134 7.62 -16.51 -20.29
C PRO B 134 6.18 -16.03 -20.14
N GLU B 135 5.59 -15.60 -21.26
CA GLU B 135 4.18 -15.31 -21.30
C GLU B 135 3.46 -16.63 -21.54
N ILE B 136 2.63 -17.01 -20.59
CA ILE B 136 1.83 -18.23 -20.72
C ILE B 136 0.40 -17.87 -21.11
N PRO B 137 -0.20 -18.64 -22.06
CA PRO B 137 -1.55 -18.39 -22.56
C PRO B 137 -2.56 -18.05 -21.47
N GLY B 138 -3.45 -17.10 -21.75
CA GLY B 138 -4.40 -16.59 -20.76
C GLY B 138 -5.41 -17.60 -20.25
N GLU B 139 -5.48 -18.73 -20.94
CA GLU B 139 -6.47 -19.77 -20.65
C GLU B 139 -5.92 -20.88 -19.76
N LYS B 140 -4.60 -20.92 -19.60
CA LYS B 140 -3.94 -21.91 -18.77
C LYS B 140 -4.01 -21.58 -17.28
N LEU B 141 -4.21 -20.30 -16.98
CA LEU B 141 -4.40 -19.82 -15.61
C LEU B 141 -5.86 -19.99 -15.17
N VAL B 142 -6.77 -19.93 -16.14
CA VAL B 142 -8.22 -20.06 -15.89
C VAL B 142 -8.64 -21.51 -15.72
N THR B 143 -9.40 -21.78 -14.65
CA THR B 143 -9.98 -23.10 -14.41
C THR B 143 -11.50 -23.05 -14.53
N GLU B 144 -12.13 -24.22 -14.69
CA GLU B 144 -13.57 -24.33 -14.86
C GLU B 144 -14.33 -24.02 -13.57
N ARG B 145 -13.73 -24.36 -12.45
CA ARG B 145 -14.35 -24.14 -11.14
C ARG B 145 -14.44 -22.65 -10.83
N ASN B 146 -13.44 -21.88 -11.25
CA ASN B 146 -13.47 -20.42 -11.14
C ASN B 146 -14.46 -19.78 -12.13
N LYS B 147 -14.68 -20.45 -13.25
CA LYS B 147 -15.69 -20.00 -14.22
C LYS B 147 -17.11 -20.13 -13.66
N LYS B 148 -17.34 -21.20 -12.92
CA LYS B 148 -18.64 -21.46 -12.28
C LYS B 148 -18.81 -20.57 -11.05
N ARG B 149 -17.68 -20.14 -10.48
CA ARG B 149 -17.67 -19.18 -9.38
C ARG B 149 -18.11 -17.81 -9.89
N LEU B 150 -17.60 -17.42 -11.05
CA LEU B 150 -17.92 -16.11 -11.63
C LEU B 150 -19.37 -16.03 -12.07
N GLU B 151 -19.84 -17.04 -12.81
CA GLU B 151 -21.22 -17.07 -13.32
C GLU B 151 -22.26 -16.87 -12.22
N LYS B 152 -22.15 -17.65 -11.15
CA LYS B 152 -23.04 -17.51 -9.99
C LYS B 152 -23.08 -16.06 -9.47
N GLU B 153 -21.90 -15.46 -9.33
CA GLU B 153 -21.79 -14.06 -8.87
C GLU B 153 -22.18 -13.04 -9.95
N LYS B 154 -22.27 -13.49 -11.20
CA LYS B 154 -22.64 -12.62 -12.32
C LYS B 154 -24.13 -12.67 -12.72
N HIS B 155 -24.94 -13.35 -11.90
CA HIS B 155 -26.39 -13.38 -12.10
C HIS B 155 -27.11 -12.49 -11.10
N THR B 170 -5.98 -16.69 -2.59
CA THR B 170 -4.81 -15.96 -2.08
C THR B 170 -3.95 -16.93 -1.29
N VAL B 171 -2.64 -16.86 -1.51
CA VAL B 171 -1.71 -17.70 -0.76
C VAL B 171 -0.61 -16.85 -0.15
N GLY B 172 0.10 -17.42 0.82
CA GLY B 172 1.20 -16.69 1.44
C GLY B 172 2.04 -17.49 2.41
N ALA B 173 3.19 -16.94 2.76
CA ALA B 173 4.18 -17.62 3.60
C ALA B 173 4.96 -16.59 4.38
N VAL B 174 5.37 -16.97 5.58
CA VAL B 174 6.37 -16.22 6.34
C VAL B 174 7.48 -17.19 6.75
N ALA B 175 8.70 -16.68 6.89
CA ALA B 175 9.81 -17.52 7.33
C ALA B 175 10.76 -16.83 8.30
N LEU B 176 11.50 -17.65 9.03
CA LEU B 176 12.61 -17.22 9.86
C LEU B 176 13.77 -18.16 9.49
N ASP B 177 14.89 -17.61 9.01
CA ASP B 177 16.00 -18.46 8.55
C ASP B 177 17.02 -18.65 9.65
N CYS B 178 18.03 -19.49 9.40
CA CYS B 178 18.99 -19.83 10.47
C CYS B 178 19.78 -18.65 11.03
N LYS B 179 19.90 -17.58 10.25
CA LYS B 179 20.54 -16.34 10.70
C LYS B 179 19.60 -15.41 11.47
N GLY B 180 18.33 -15.78 11.57
CA GLY B 180 17.35 -15.00 12.33
C GLY B 180 16.66 -13.89 11.55
N ASN B 181 16.78 -13.94 10.23
CA ASN B 181 16.05 -13.00 9.37
C ASN B 181 14.61 -13.47 9.19
N VAL B 182 13.68 -12.54 9.00
CA VAL B 182 12.30 -12.88 8.64
C VAL B 182 11.90 -12.32 7.28
N ALA B 183 10.97 -13.02 6.62
CA ALA B 183 10.40 -12.55 5.35
C ALA B 183 8.97 -13.03 5.20
N TYR B 184 8.22 -12.39 4.31
CA TYR B 184 6.88 -12.80 3.90
C TYR B 184 6.73 -12.80 2.39
N ALA B 185 5.82 -13.64 1.89
CA ALA B 185 5.38 -13.55 0.51
C ALA B 185 3.88 -13.80 0.39
N THR B 186 3.17 -12.93 -0.31
CA THR B 186 1.72 -13.08 -0.48
C THR B 186 1.38 -12.94 -1.97
N SER B 187 0.52 -13.82 -2.44
CA SER B 187 0.16 -13.84 -3.86
C SER B 187 -1.33 -14.20 -4.04
N THR B 188 -2.01 -13.53 -4.98
CA THR B 188 -3.45 -13.74 -5.22
C THR B 188 -3.89 -13.35 -6.64
N GLY B 189 -5.02 -13.91 -7.07
CA GLY B 189 -5.76 -13.37 -8.22
C GLY B 189 -6.82 -12.34 -7.80
N GLY B 190 -7.07 -12.22 -6.50
CA GLY B 190 -7.97 -11.19 -5.97
C GLY B 190 -9.29 -11.74 -5.44
N ILE B 191 -10.38 -11.02 -5.70
CA ILE B 191 -11.72 -11.46 -5.30
C ILE B 191 -12.60 -11.60 -6.54
N VAL B 192 -13.43 -12.64 -6.57
CA VAL B 192 -14.22 -12.94 -7.76
C VAL B 192 -15.19 -11.77 -8.09
N ASN B 193 -15.31 -11.49 -9.38
CA ASN B 193 -16.11 -10.38 -9.92
C ASN B 193 -15.59 -8.99 -9.55
N LYS B 194 -14.27 -8.88 -9.34
CA LYS B 194 -13.63 -7.59 -9.12
C LYS B 194 -13.57 -6.79 -10.41
N MET B 195 -13.59 -5.47 -10.28
CA MET B 195 -13.36 -4.58 -11.41
C MET B 195 -12.00 -4.82 -12.03
N VAL B 196 -11.88 -4.51 -13.32
CA VAL B 196 -10.59 -4.51 -14.02
C VAL B 196 -9.67 -3.47 -13.35
N GLY B 197 -8.42 -3.85 -13.14
CA GLY B 197 -7.42 -2.97 -12.53
C GLY B 197 -7.59 -2.69 -11.05
N ARG B 198 -8.48 -3.46 -10.41
CA ARG B 198 -8.63 -3.44 -8.95
C ARG B 198 -7.36 -4.02 -8.33
N VAL B 199 -6.84 -3.29 -7.34
CA VAL B 199 -5.69 -3.71 -6.54
C VAL B 199 -6.19 -3.81 -5.10
N GLY B 200 -5.95 -4.97 -4.48
CA GLY B 200 -6.22 -5.15 -3.05
C GLY B 200 -4.99 -4.94 -2.16
N ASP B 201 -5.01 -5.62 -1.02
CA ASP B 201 -3.98 -5.52 0.01
C ASP B 201 -2.73 -6.38 -0.27
N SER B 202 -2.91 -7.47 -1.02
CA SER B 202 -1.84 -8.46 -1.20
C SER B 202 -0.55 -7.85 -1.72
N PRO B 203 -0.61 -6.95 -2.75
CA PRO B 203 0.68 -6.43 -3.17
C PRO B 203 1.19 -5.22 -2.38
N CYS B 204 0.48 -4.84 -1.32
CA CYS B 204 0.76 -3.58 -0.59
C CYS B 204 1.44 -3.75 0.76
N LEU B 205 2.68 -3.28 0.87
CA LEU B 205 3.45 -3.37 2.12
C LEU B 205 2.73 -2.79 3.32
N GLY B 206 2.61 -3.60 4.38
CA GLY B 206 1.93 -3.20 5.61
C GLY B 206 0.55 -3.79 5.67
N ALA B 207 -0.02 -4.08 4.50
CA ALA B 207 -1.36 -4.64 4.41
C ALA B 207 -1.33 -6.15 4.12
N GLY B 208 -0.93 -6.55 2.91
CA GLY B 208 -0.89 -7.99 2.51
C GLY B 208 0.23 -8.77 3.16
N GLY B 209 1.12 -8.04 3.81
CA GLY B 209 2.21 -8.61 4.59
C GLY B 209 3.15 -7.52 5.04
N TYR B 210 3.93 -7.80 6.08
CA TYR B 210 5.04 -6.96 6.48
C TYR B 210 6.12 -7.90 7.04
N ALA B 211 7.39 -7.46 6.99
CA ALA B 211 8.51 -8.22 7.55
C ALA B 211 9.60 -7.27 8.06
N ASP B 212 9.93 -7.37 9.35
CA ASP B 212 10.95 -6.55 10.02
C ASP B 212 11.72 -7.42 11.07
N ASN B 213 13.03 -7.59 10.92
CA ASN B 213 13.83 -8.41 11.85
C ASN B 213 13.70 -8.00 13.31
N ASP B 214 13.33 -6.74 13.56
CA ASP B 214 13.15 -6.22 14.90
C ASP B 214 11.79 -6.58 15.51
N ILE B 215 10.96 -7.29 14.75
CA ILE B 215 9.61 -7.65 15.22
C ILE B 215 9.18 -9.05 14.79
N GLY B 216 9.07 -9.27 13.48
CA GLY B 216 8.48 -10.48 12.95
C GLY B 216 8.04 -10.29 11.52
N ALA B 217 7.41 -11.32 10.94
CA ALA B 217 6.86 -11.26 9.58
C ALA B 217 5.43 -11.82 9.47
N VAL B 218 4.66 -11.28 8.53
CA VAL B 218 3.23 -11.53 8.48
C VAL B 218 2.80 -11.62 7.04
N SER B 219 1.92 -12.57 6.73
CA SER B 219 1.20 -12.55 5.45
C SER B 219 -0.30 -12.61 5.70
N THR B 220 -1.05 -11.84 4.92
CA THR B 220 -2.47 -11.67 5.20
C THR B 220 -3.40 -12.18 4.09
N THR B 221 -4.66 -12.32 4.45
CA THR B 221 -5.69 -12.81 3.56
C THR B 221 -7.00 -12.42 4.21
N GLY B 222 -8.03 -12.34 3.38
CA GLY B 222 -9.34 -11.84 3.80
C GLY B 222 -9.79 -10.71 2.92
N HIS B 223 -10.72 -9.91 3.42
CA HIS B 223 -11.33 -8.85 2.63
C HIS B 223 -10.29 -7.78 2.35
N GLY B 224 -9.81 -7.75 1.10
CA GLY B 224 -8.69 -6.91 0.68
C GLY B 224 -8.79 -5.43 0.95
N GLU B 225 -9.97 -4.85 0.72
CA GLU B 225 -10.17 -3.43 1.02
C GLU B 225 -10.07 -3.19 2.52
N SER B 226 -10.71 -4.04 3.29
CA SER B 226 -10.63 -3.93 4.73
C SER B 226 -9.18 -4.06 5.25
N ILE B 227 -8.44 -5.03 4.67
CA ILE B 227 -7.04 -5.30 5.07
C ILE B 227 -6.18 -4.06 4.82
N LEU B 228 -6.38 -3.42 3.65
CA LEU B 228 -5.77 -2.12 3.34
C LEU B 228 -6.17 -1.00 4.32
N LYS B 229 -7.47 -0.84 4.50
CA LYS B 229 -8.02 0.16 5.42
C LYS B 229 -7.39 0.14 6.81
N VAL B 230 -7.15 -1.06 7.34
CA VAL B 230 -6.52 -1.19 8.66
C VAL B 230 -5.02 -1.48 8.64
N ASN B 231 -4.43 -1.66 7.45
CA ASN B 231 -3.00 -1.95 7.32
C ASN B 231 -2.63 -3.15 8.20
N LEU B 232 -3.29 -4.26 7.94
CA LEU B 232 -3.41 -5.36 8.88
C LEU B 232 -2.08 -5.97 9.31
N ALA B 233 -1.22 -6.19 8.33
CA ALA B 233 0.06 -6.85 8.57
C ALA B 233 0.93 -6.08 9.56
N ARG B 234 1.04 -4.77 9.35
CA ARG B 234 1.87 -3.90 10.18
C ARG B 234 1.28 -3.75 11.58
N LEU B 235 -0.02 -3.46 11.64
CA LEU B 235 -0.79 -3.45 12.88
C LEU B 235 -0.49 -4.67 13.77
N THR B 236 -0.59 -5.85 13.18
CA THR B 236 -0.33 -7.12 13.87
C THR B 236 1.03 -7.01 14.55
N LEU B 237 1.99 -6.44 13.82
CA LEU B 237 3.33 -6.20 14.34
C LEU B 237 3.41 -5.04 15.33
N PHE B 238 2.61 -3.99 15.13
CA PHE B 238 2.53 -2.92 16.14
CA PHE B 238 2.52 -2.91 16.13
C PHE B 238 2.25 -3.54 17.51
N HIS B 239 1.28 -4.45 17.56
CA HIS B 239 0.92 -5.12 18.82
C HIS B 239 2.05 -6.01 19.36
N ILE B 240 2.77 -6.69 18.47
CA ILE B 240 3.92 -7.53 18.84
C ILE B 240 5.09 -6.72 19.45
N GLU B 241 5.37 -5.54 18.89
CA GLU B 241 6.35 -4.62 19.49
C GLU B 241 5.92 -4.24 20.90
N GLN B 242 4.62 -3.96 21.05
CA GLN B 242 4.07 -3.51 22.31
C GLN B 242 4.00 -4.60 23.38
N GLY B 243 4.60 -5.76 23.09
CA GLY B 243 4.79 -6.82 24.07
C GLY B 243 3.78 -7.95 24.05
N LYS B 244 2.85 -7.92 23.11
CA LYS B 244 1.83 -8.98 23.01
C LYS B 244 2.40 -10.25 22.38
N THR B 245 1.78 -11.39 22.71
CA THR B 245 2.14 -12.67 22.10
C THR B 245 1.73 -12.62 20.62
N VAL B 246 2.24 -13.54 19.82
CA VAL B 246 1.80 -13.62 18.43
C VAL B 246 0.29 -13.87 18.37
N GLU B 247 -0.22 -14.78 19.19
CA GLU B 247 -1.65 -15.03 19.25
C GLU B 247 -2.46 -13.79 19.64
N GLU B 248 -2.17 -13.22 20.81
CA GLU B 248 -2.87 -12.01 21.30
C GLU B 248 -2.92 -10.90 20.24
N ALA B 249 -1.80 -10.67 19.57
CA ALA B 249 -1.67 -9.60 18.58
C ALA B 249 -2.49 -9.88 17.34
N ALA B 250 -2.51 -11.14 16.92
CA ALA B 250 -3.29 -11.59 15.78
C ALA B 250 -4.78 -11.39 16.06
N ASP B 251 -5.21 -11.78 17.27
CA ASP B 251 -6.60 -11.54 17.67
C ASP B 251 -6.91 -10.05 17.84
N LEU B 252 -5.94 -9.27 18.34
CA LEU B 252 -6.13 -7.82 18.45
C LEU B 252 -6.33 -7.19 17.06
N SER B 253 -5.47 -7.55 16.11
CA SER B 253 -5.52 -6.95 14.77
C SER B 253 -6.75 -7.39 13.96
N LEU B 254 -7.02 -8.70 13.92
CA LEU B 254 -8.20 -9.21 13.23
C LEU B 254 -9.50 -8.75 13.87
N GLY B 255 -9.48 -8.61 15.19
CA GLY B 255 -10.63 -8.12 15.97
C GLY B 255 -10.93 -6.65 15.70
N TYR B 256 -9.88 -5.88 15.47
CA TYR B 256 -10.02 -4.48 15.10
C TYR B 256 -10.52 -4.38 13.67
N MET B 257 -10.06 -5.28 12.78
CA MET B 257 -10.54 -5.21 11.40
C MET B 257 -12.04 -5.54 11.38
N LYS B 258 -12.43 -6.60 12.10
CA LYS B 258 -13.85 -6.89 12.30
C LYS B 258 -14.60 -5.75 13.01
N SER B 259 -14.06 -5.23 14.10
CA SER B 259 -14.80 -4.20 14.86
C SER B 259 -14.86 -2.79 14.20
N ARG B 260 -13.77 -2.32 13.60
CA ARG B 260 -13.75 -0.98 12.99
C ARG B 260 -14.43 -0.93 11.63
N VAL B 261 -14.07 -1.87 10.75
CA VAL B 261 -14.51 -1.82 9.35
C VAL B 261 -15.32 -3.04 8.94
N LYS B 262 -15.62 -3.93 9.89
CA LYS B 262 -16.53 -5.04 9.66
C LYS B 262 -15.99 -5.99 8.58
N GLY B 263 -14.67 -6.06 8.43
CA GLY B 263 -14.07 -7.01 7.51
C GLY B 263 -13.61 -8.23 8.29
N LEU B 264 -13.52 -9.36 7.60
CA LEU B 264 -13.02 -10.60 8.19
C LEU B 264 -11.78 -11.03 7.43
N GLY B 265 -10.86 -11.68 8.13
CA GLY B 265 -9.65 -12.17 7.47
C GLY B 265 -8.86 -13.20 8.25
N GLY B 266 -7.59 -13.29 7.93
CA GLY B 266 -6.74 -14.25 8.61
C GLY B 266 -5.33 -13.82 8.41
N LEU B 267 -4.41 -14.52 9.06
CA LEU B 267 -3.01 -14.24 8.89
C LEU B 267 -2.16 -15.32 9.51
N ILE B 268 -0.91 -15.35 9.05
CA ILE B 268 0.13 -16.18 9.61
C ILE B 268 1.28 -15.27 9.99
N VAL B 269 1.96 -15.59 11.08
CA VAL B 269 3.01 -14.72 11.61
C VAL B 269 4.06 -15.51 12.36
N VAL B 270 5.31 -15.12 12.16
CA VAL B 270 6.43 -15.65 12.93
C VAL B 270 7.19 -14.43 13.49
N SER B 271 7.47 -14.46 14.79
CA SER B 271 8.27 -13.39 15.42
C SER B 271 9.76 -13.72 15.27
N LYS B 272 10.58 -12.76 15.67
CA LYS B 272 12.03 -12.91 15.62
C LYS B 272 12.51 -13.87 16.71
N THR B 273 11.60 -14.24 17.61
CA THR B 273 11.86 -15.33 18.58
C THR B 273 11.40 -16.71 18.06
N GLY B 274 10.78 -16.72 16.88
CA GLY B 274 10.32 -17.97 16.27
C GLY B 274 9.06 -18.54 16.89
N ASP B 275 8.31 -17.70 17.58
CA ASP B 275 6.97 -18.04 18.02
C ASP B 275 6.03 -17.67 16.90
N TRP B 276 5.16 -18.61 16.52
CA TRP B 276 4.38 -18.44 15.32
C TRP B 276 2.93 -18.83 15.55
N VAL B 277 2.04 -18.25 14.76
CA VAL B 277 0.63 -18.60 14.84
C VAL B 277 -0.12 -18.35 13.53
N ALA B 278 -1.08 -19.23 13.25
CA ALA B 278 -2.13 -18.95 12.27
C ALA B 278 -3.44 -18.70 13.01
N LYS B 279 -4.08 -17.57 12.70
CA LYS B 279 -5.34 -17.15 13.34
C LYS B 279 -6.22 -16.44 12.31
N TRP B 280 -7.54 -16.64 12.42
CA TRP B 280 -8.47 -16.13 11.42
C TRP B 280 -9.90 -15.86 11.94
N THR B 281 -10.63 -15.02 11.19
CA THR B 281 -12.02 -14.66 11.47
C THR B 281 -12.95 -14.94 10.27
N SER B 282 -12.38 -15.36 9.15
CA SER B 282 -13.15 -16.09 8.14
C SER B 282 -13.49 -17.43 8.77
N THR B 283 -14.39 -18.20 8.15
CA THR B 283 -14.77 -19.52 8.66
C THR B 283 -13.58 -20.48 8.69
N SER B 284 -12.82 -20.46 7.60
CA SER B 284 -11.70 -21.37 7.41
CA SER B 284 -11.70 -21.37 7.41
C SER B 284 -10.45 -20.60 7.01
N MET B 285 -9.30 -21.24 7.19
CA MET B 285 -8.05 -20.76 6.63
C MET B 285 -7.05 -21.90 6.63
N PRO B 286 -6.93 -22.59 5.49
CA PRO B 286 -5.93 -23.63 5.30
C PRO B 286 -4.56 -23.07 5.65
N TRP B 287 -3.85 -23.72 6.56
CA TRP B 287 -2.50 -23.31 6.93
C TRP B 287 -1.62 -24.52 7.25
N ALA B 288 -0.32 -24.37 7.03
CA ALA B 288 0.64 -25.40 7.40
C ALA B 288 1.90 -24.70 7.86
N ALA B 289 2.56 -25.28 8.87
CA ALA B 289 3.84 -24.79 9.34
C ALA B 289 4.83 -25.93 9.50
N ALA B 290 6.10 -25.63 9.23
CA ALA B 290 7.17 -26.60 9.38
C ALA B 290 8.23 -26.04 10.29
N LYS B 291 8.48 -26.75 11.40
CA LYS B 291 9.44 -26.33 12.43
C LYS B 291 9.90 -27.56 13.20
N ASP B 292 11.22 -27.78 13.23
CA ASP B 292 11.84 -28.86 14.02
C ASP B 292 11.45 -30.25 13.52
N GLY B 293 11.43 -30.42 12.21
CA GLY B 293 11.19 -31.72 11.59
C GLY B 293 9.77 -32.26 11.69
N LYS B 294 8.85 -31.38 12.06
CA LYS B 294 7.43 -31.72 12.11
C LYS B 294 6.63 -30.77 11.24
N LEU B 295 5.60 -31.30 10.58
CA LEU B 295 4.69 -30.50 9.78
C LEU B 295 3.34 -30.39 10.49
N HIS B 296 2.81 -29.17 10.55
CA HIS B 296 1.57 -28.88 11.25
C HIS B 296 0.53 -28.46 10.21
N PHE B 297 -0.75 -28.72 10.47
CA PHE B 297 -1.81 -28.38 9.52
C PHE B 297 -3.17 -28.08 10.17
N GLY B 298 -3.90 -27.15 9.55
CA GLY B 298 -5.25 -26.83 9.99
C GLY B 298 -6.07 -26.17 8.90
N ILE B 299 -7.39 -26.23 9.08
CA ILE B 299 -8.34 -25.54 8.21
C ILE B 299 -9.33 -24.80 9.09
N ASP B 300 -9.90 -25.53 10.05
CA ASP B 300 -10.87 -24.98 10.99
C ASP B 300 -10.23 -24.80 12.38
N PRO B 301 -10.73 -23.80 13.14
CA PRO B 301 -10.16 -23.46 14.45
C PRO B 301 -10.18 -24.62 15.44
N ASP B 302 -9.07 -24.79 16.15
CA ASP B 302 -8.91 -25.84 17.18
C ASP B 302 -8.84 -27.26 16.60
N ASP B 303 -8.71 -27.34 15.27
CA ASP B 303 -8.54 -28.61 14.58
C ASP B 303 -7.20 -28.60 13.86
N THR B 304 -6.18 -29.09 14.55
CA THR B 304 -4.82 -29.06 14.04
C THR B 304 -4.17 -30.45 14.18
N THR B 305 -3.58 -30.93 13.08
CA THR B 305 -2.84 -32.19 13.09
C THR B 305 -1.35 -31.93 12.96
N ILE B 306 -0.53 -32.87 13.43
CA ILE B 306 0.93 -32.78 13.35
C ILE B 306 1.54 -34.12 12.89
N THR B 307 2.41 -34.07 11.89
CA THR B 307 3.13 -35.25 11.41
C THR B 307 4.63 -34.98 11.31
N ASP B 308 5.44 -36.03 11.42
CA ASP B 308 6.89 -35.93 11.21
C ASP B 308 7.18 -35.49 9.78
N LEU B 309 8.23 -34.69 9.61
CA LEU B 309 8.63 -34.20 8.29
C LEU B 309 10.06 -34.64 8.01
N PRO B 310 10.25 -35.53 7.00
CA PRO B 310 11.54 -36.13 6.69
C PRO B 310 12.62 -35.10 6.35
NA NA C . 0.32 20.28 -10.96
N ASP D . 6.61 10.03 -2.86
CA ASP D . 6.46 10.38 -4.31
C ASP D . 6.60 9.12 -5.15
O ASP D . 7.47 8.28 -4.89
CB ASP D . 7.53 11.39 -4.75
CG ASP D . 7.77 12.51 -3.75
OD1 ASP D . 6.90 12.78 -2.91
OD2 ASP D . 8.84 13.15 -3.81
OXT ASP D . 5.89 8.86 -6.12
NA NA E . -2.80 -21.60 -7.77
N ASP F . -6.90 -10.50 0.28
CA ASP F . -7.36 -10.97 -1.07
C ASP F . -7.82 -9.78 -1.90
O ASP F . -7.28 -9.54 -2.97
CB ASP F . -8.51 -11.98 -0.96
CG ASP F . -8.09 -13.29 -0.31
OD1 ASP F . -7.28 -13.26 0.64
OD2 ASP F . -8.57 -14.36 -0.74
OXT ASP F . -8.74 -9.06 -1.51
#